data_5O2D
#
_entry.id   5O2D
#
_cell.length_a   131.408
_cell.length_b   35.740
_cell.length_c   37.150
_cell.angle_alpha   90.00
_cell.angle_beta   94.83
_cell.angle_gamma   90.00
#
_symmetry.space_group_name_H-M   'C 1 2 1'
#
loop_
_entity.id
_entity.type
_entity.pdbx_description
1 polymer 'Poly [ADP-ribose] polymerase 14'
2 non-polymer ~{N}-[2-(9~{H}-carbazol-1-yl)phenyl]methanesulfonamide
3 water water
#
_entity_poly.entity_id   1
_entity_poly.type   'polypeptide(L)'
_entity_poly.pdbx_seq_one_letter_code
;SMAAAGPGKTSWEKGSLVSPGGLQMLLVKEGVQNAKTDVVVNSVPLDLVLSRGPLSSSLLEKAGPELQEELDTVGQGVAV
SMGTVLKTSSWNLDCRYVLHVVAPEWRNGSTSSLKIMEDIIRECMEITESLSLKSIAFPAIGTGNLGFPKNIFAELIISE
VFSFSSSNQLSTLQEVHFLLHPSDHENIQAFSDEFARRAN
;
_entity_poly.pdbx_strand_id   A
#
# COMPACT_ATOMS: atom_id res chain seq x y z
N SER A 11 -5.18 20.01 -6.01
CA SER A 11 -5.28 19.62 -4.56
C SER A 11 -6.69 19.23 -4.12
N TRP A 12 -7.69 19.95 -4.64
CA TRP A 12 -9.06 19.91 -4.11
C TRP A 12 -9.82 18.64 -4.49
N GLU A 13 -9.41 18.00 -5.60
CA GLU A 13 -10.00 16.73 -6.05
C GLU A 13 -9.12 15.49 -5.81
N LYS A 14 -9.79 14.34 -5.71
CA LYS A 14 -9.17 13.03 -5.85
C LYS A 14 -9.59 12.51 -7.23
N GLY A 15 -8.68 11.78 -7.93
CA GLY A 15 -9.00 11.14 -9.26
C GLY A 15 -9.73 9.86 -8.94
N SER A 16 -10.68 9.46 -9.78
CA SER A 16 -11.52 8.30 -9.45
C SER A 16 -11.66 7.35 -10.62
N LEU A 17 -11.54 6.05 -10.34
CA LEU A 17 -11.69 5.03 -11.37
C LEU A 17 -12.32 3.82 -10.71
N VAL A 18 -13.50 3.43 -11.17
CA VAL A 18 -14.15 2.21 -10.66
C VAL A 18 -13.90 1.05 -11.62
N SER A 19 -13.50 -0.09 -11.07
CA SER A 19 -13.26 -1.27 -11.86
C SER A 19 -14.59 -1.87 -12.35
N PRO A 20 -14.53 -2.68 -13.41
CA PRO A 20 -15.75 -3.43 -13.82
C PRO A 20 -16.41 -4.23 -12.71
N GLY A 21 -15.60 -4.75 -11.79
CA GLY A 21 -16.12 -5.48 -10.65
C GLY A 21 -16.63 -4.62 -9.50
N GLY A 22 -16.53 -3.30 -9.61
CA GLY A 22 -17.17 -2.38 -8.66
C GLY A 22 -16.29 -1.81 -7.55
N LEU A 23 -14.99 -2.01 -7.65
CA LEU A 23 -14.10 -1.49 -6.61
C LEU A 23 -13.63 -0.12 -7.05
N GLN A 24 -13.83 0.89 -6.19
CA GLN A 24 -13.47 2.27 -6.52
C GLN A 24 -12.03 2.55 -6.14
N MET A 25 -11.24 3.01 -7.11
CA MET A 25 -9.87 3.48 -6.84
C MET A 25 -9.84 4.99 -6.82
N LEU A 26 -9.14 5.55 -5.85
CA LEU A 26 -8.94 6.99 -5.76
C LEU A 26 -7.47 7.34 -5.80
N LEU A 27 -7.14 8.32 -6.60
CA LEU A 27 -5.81 8.86 -6.67
C LEU A 27 -5.79 10.07 -5.75
N VAL A 28 -5.14 9.93 -4.61
CA VAL A 28 -5.18 10.94 -3.56
C VAL A 28 -3.81 11.58 -3.47
N LYS A 29 -3.75 12.89 -3.64
CA LYS A 29 -2.47 13.61 -3.77
C LYS A 29 -2.15 14.42 -2.52
N GLU A 30 -2.22 13.78 -1.36
CA GLU A 30 -2.15 14.51 -0.08
C GLU A 30 -1.01 14.08 0.80
N GLY A 31 -0.11 13.26 0.29
CA GLY A 31 0.92 12.68 1.12
C GLY A 31 0.36 11.48 1.81
N VAL A 32 1.22 10.77 2.52
N VAL A 32 1.23 10.79 2.53
CA VAL A 32 0.82 9.51 3.13
CA VAL A 32 0.92 9.51 3.13
C VAL A 32 0.33 9.61 4.57
C VAL A 32 0.39 9.59 4.56
N GLN A 33 0.58 10.74 5.21
CA GLN A 33 0.25 10.91 6.62
C GLN A 33 -1.22 11.20 6.89
N ASN A 34 -1.93 11.65 5.84
CA ASN A 34 -3.33 12.06 5.93
C ASN A 34 -4.32 10.95 5.59
N ALA A 35 -3.84 9.73 5.27
CA ALA A 35 -4.69 8.56 5.03
C ALA A 35 -5.88 8.51 5.98
N LYS A 36 -7.08 8.33 5.43
CA LYS A 36 -8.34 8.24 6.19
C LYS A 36 -9.15 7.00 5.81
N THR A 37 -8.46 5.91 5.57
CA THR A 37 -9.04 4.64 5.17
C THR A 37 -9.06 3.75 6.39
N ASP A 38 -9.73 2.61 6.31
CA ASP A 38 -9.70 1.64 7.40
C ASP A 38 -8.32 1.02 7.58
N VAL A 39 -7.65 0.72 6.46
CA VAL A 39 -6.35 0.09 6.49
C VAL A 39 -5.37 0.94 5.68
N VAL A 40 -4.14 1.07 6.17
N VAL A 40 -4.14 1.08 6.17
CA VAL A 40 -3.03 1.62 5.37
CA VAL A 40 -3.04 1.63 5.37
C VAL A 40 -1.93 0.57 5.32
C VAL A 40 -1.91 0.61 5.33
N VAL A 41 -1.30 0.42 4.16
CA VAL A 41 -0.23 -0.56 3.97
C VAL A 41 1.11 0.17 4.07
N ASN A 42 2.01 -0.38 4.86
CA ASN A 42 3.35 0.14 5.02
C ASN A 42 4.35 -0.87 4.45
N SER A 43 5.51 -0.38 4.02
CA SER A 43 6.59 -1.22 3.55
C SER A 43 7.71 -1.17 4.56
N VAL A 44 8.09 -2.32 5.11
CA VAL A 44 9.07 -2.35 6.19
C VAL A 44 10.25 -3.26 5.88
N PRO A 45 11.39 -3.01 6.52
CA PRO A 45 12.52 -3.90 6.31
C PRO A 45 12.37 -5.18 7.08
N LEU A 46 13.24 -6.15 6.77
CA LEU A 46 13.24 -7.44 7.48
C LEU A 46 13.48 -7.30 8.99
N ASP A 47 14.15 -6.23 9.41
CA ASP A 47 14.37 -6.01 10.86
C ASP A 47 13.26 -5.23 11.56
N LEU A 48 12.21 -4.87 10.81
CA LEU A 48 11.02 -4.21 11.33
C LEU A 48 11.28 -2.78 11.86
N VAL A 49 12.44 -2.20 11.56
CA VAL A 49 12.74 -0.84 11.96
C VAL A 49 12.01 0.11 11.00
N LEU A 50 11.16 0.95 11.56
CA LEU A 50 10.25 1.78 10.80
C LEU A 50 10.84 3.10 10.34
N SER A 51 12.07 3.39 10.77
CA SER A 51 12.72 4.65 10.47
C SER A 51 13.74 4.58 9.36
N ARG A 52 13.76 3.50 8.57
CA ARG A 52 14.82 3.36 7.57
CA ARG A 52 14.81 3.32 7.56
C ARG A 52 14.39 3.98 6.24
N GLY A 53 13.35 3.46 5.63
CA GLY A 53 12.86 3.94 4.36
C GLY A 53 12.00 5.18 4.47
N PRO A 54 11.88 5.94 3.38
CA PRO A 54 11.20 7.21 3.49
C PRO A 54 9.69 7.09 3.75
N LEU A 55 9.00 6.10 3.16
CA LEU A 55 7.57 5.99 3.41
CA LEU A 55 7.55 5.97 3.41
C LEU A 55 7.30 5.62 4.87
N SER A 56 7.93 4.54 5.31
CA SER A 56 7.76 4.13 6.67
C SER A 56 8.15 5.24 7.66
N SER A 57 9.24 5.97 7.37
CA SER A 57 9.66 7.04 8.27
C SER A 57 8.58 8.10 8.37
N SER A 58 7.96 8.43 7.23
CA SER A 58 6.88 9.40 7.18
CA SER A 58 6.88 9.41 7.20
C SER A 58 5.66 8.94 7.98
N LEU A 59 5.28 7.69 7.83
CA LEU A 59 4.17 7.12 8.60
C LEU A 59 4.50 7.16 10.10
N LEU A 60 5.73 6.77 10.46
CA LEU A 60 6.17 6.78 11.86
C LEU A 60 6.13 8.18 12.45
N GLU A 61 6.53 9.17 11.65
CA GLU A 61 6.55 10.53 12.17
C GLU A 61 5.16 11.05 12.57
N LYS A 62 4.13 10.64 11.83
CA LYS A 62 2.76 10.98 12.17
C LYS A 62 2.20 10.07 13.26
N ALA A 63 2.51 8.78 13.18
CA ALA A 63 1.88 7.81 14.07
C ALA A 63 2.34 7.92 15.50
N GLY A 64 3.61 8.23 15.65
CA GLY A 64 4.28 8.24 16.95
C GLY A 64 5.04 6.94 17.18
N PRO A 65 5.98 6.95 18.15
CA PRO A 65 6.84 5.79 18.41
C PRO A 65 6.08 4.54 18.89
N GLU A 66 4.87 4.74 19.40
CA GLU A 66 4.03 3.62 19.76
C GLU A 66 3.80 2.67 18.59
N LEU A 67 3.80 3.17 17.35
CA LEU A 67 3.68 2.29 16.20
C LEU A 67 4.84 1.29 16.14
N GLN A 68 6.04 1.79 16.38
CA GLN A 68 7.22 0.90 16.46
C GLN A 68 7.12 -0.07 17.66
N GLU A 69 6.67 0.44 18.80
CA GLU A 69 6.48 -0.38 20.03
C GLU A 69 5.60 -1.55 19.70
N GLU A 70 4.47 -1.28 19.05
CA GLU A 70 3.51 -2.36 18.75
C GLU A 70 4.05 -3.30 17.68
N LEU A 71 4.66 -2.78 16.63
CA LEU A 71 5.24 -3.67 15.63
C LEU A 71 6.30 -4.59 16.21
N ASP A 72 7.14 -4.05 17.09
CA ASP A 72 8.17 -4.88 17.72
C ASP A 72 7.55 -5.99 18.56
N THR A 73 6.46 -5.68 19.23
CA THR A 73 5.77 -6.64 20.07
C THR A 73 5.10 -7.73 19.23
N VAL A 74 4.40 -7.35 18.17
N VAL A 74 4.41 -7.32 18.18
CA VAL A 74 3.75 -8.35 17.33
CA VAL A 74 3.74 -8.27 17.27
C VAL A 74 4.77 -9.18 16.56
C VAL A 74 4.75 -9.15 16.55
N GLY A 75 5.90 -8.58 16.20
CA GLY A 75 6.93 -9.30 15.43
C GLY A 75 7.90 -10.14 16.25
N GLN A 76 7.88 -9.99 17.58
CA GLN A 76 8.84 -10.71 18.41
C GLN A 76 8.69 -12.21 18.26
N GLY A 77 9.82 -12.89 18.04
CA GLY A 77 9.85 -14.32 17.82
C GLY A 77 9.14 -14.83 16.58
N VAL A 78 8.83 -13.95 15.65
CA VAL A 78 8.18 -14.29 14.39
C VAL A 78 9.29 -14.26 13.37
N ALA A 79 9.43 -15.34 12.61
CA ALA A 79 10.38 -15.35 11.50
C ALA A 79 9.81 -14.52 10.39
N VAL A 80 10.59 -13.52 9.95
CA VAL A 80 10.14 -12.50 9.04
C VAL A 80 10.95 -12.72 7.79
N SER A 81 10.27 -12.77 6.65
CA SER A 81 10.92 -12.81 5.36
C SER A 81 10.15 -11.95 4.38
N MET A 82 10.64 -11.92 3.16
CA MET A 82 9.96 -11.20 2.11
C MET A 82 8.55 -11.75 1.99
N GLY A 83 7.57 -10.85 1.92
CA GLY A 83 6.16 -11.20 1.85
C GLY A 83 5.46 -11.35 3.19
N THR A 84 6.19 -11.24 4.28
CA THR A 84 5.55 -11.25 5.61
C THR A 84 4.63 -10.02 5.76
N VAL A 85 3.45 -10.22 6.34
CA VAL A 85 2.48 -9.17 6.64
C VAL A 85 2.12 -9.19 8.12
N LEU A 86 2.38 -8.09 8.81
CA LEU A 86 2.09 -7.94 10.24
C LEU A 86 1.12 -6.78 10.46
N LYS A 87 0.10 -7.03 11.28
CA LYS A 87 -0.96 -6.07 11.57
C LYS A 87 -0.72 -5.34 12.90
N THR A 88 -0.81 -4.01 12.88
CA THR A 88 -0.86 -3.22 14.12
C THR A 88 -2.05 -2.28 14.08
N SER A 89 -2.41 -1.69 15.20
CA SER A 89 -3.27 -0.53 15.22
C SER A 89 -2.56 0.69 14.62
N SER A 90 -3.31 1.77 14.48
CA SER A 90 -2.89 2.97 13.76
C SER A 90 -2.27 4.08 14.59
N TRP A 91 -2.49 4.05 15.90
CA TRP A 91 -1.97 5.10 16.83
C TRP A 91 -2.43 6.49 16.39
N ASN A 92 -1.51 7.40 16.09
CA ASN A 92 -1.91 8.76 15.74
C ASN A 92 -2.17 8.96 14.23
N LEU A 93 -2.11 7.88 13.43
CA LEU A 93 -2.62 7.92 12.06
C LEU A 93 -4.14 7.91 12.08
N ASP A 94 -4.74 8.38 10.98
CA ASP A 94 -6.19 8.51 10.89
C ASP A 94 -6.83 7.28 10.23
N CYS A 95 -6.37 6.09 10.59
CA CYS A 95 -6.87 4.81 10.08
CA CYS A 95 -6.94 4.85 10.08
C CYS A 95 -7.20 3.90 11.26
N ARG A 96 -7.59 2.66 10.97
CA ARG A 96 -7.85 1.70 12.02
C ARG A 96 -6.65 0.79 12.21
N TYR A 97 -6.15 0.22 11.10
CA TYR A 97 -5.03 -0.70 11.14
C TYR A 97 -3.99 -0.33 10.13
N VAL A 98 -2.76 -0.70 10.46
CA VAL A 98 -1.66 -0.67 9.50
C VAL A 98 -1.23 -2.10 9.21
N LEU A 99 -1.12 -2.45 7.93
CA LEU A 99 -0.51 -3.71 7.51
C LEU A 99 0.91 -3.45 7.08
N HIS A 100 1.86 -3.96 7.83
CA HIS A 100 3.28 -3.75 7.56
C HIS A 100 3.74 -4.93 6.73
N VAL A 101 4.21 -4.68 5.52
N VAL A 101 4.23 -4.66 5.53
CA VAL A 101 4.61 -5.75 4.63
CA VAL A 101 4.64 -5.71 4.60
C VAL A 101 6.10 -5.66 4.30
C VAL A 101 6.12 -5.64 4.32
N VAL A 102 6.78 -6.79 4.22
CA VAL A 102 8.17 -6.83 3.77
C VAL A 102 8.14 -7.01 2.25
N ALA A 103 8.37 -5.92 1.53
CA ALA A 103 8.23 -5.92 0.08
C ALA A 103 9.44 -6.68 -0.46
N PRO A 104 9.32 -7.23 -1.68
CA PRO A 104 10.45 -7.85 -2.35
C PRO A 104 11.47 -6.83 -2.78
N GLU A 105 12.64 -7.34 -3.12
CA GLU A 105 13.66 -6.55 -3.76
C GLU A 105 14.10 -7.23 -5.02
N TRP A 106 14.91 -6.51 -5.79
CA TRP A 106 15.31 -7.02 -7.07
C TRP A 106 16.02 -8.40 -6.98
N ARG A 107 16.70 -8.70 -5.87
CA ARG A 107 17.40 -10.01 -5.72
C ARG A 107 16.51 -11.24 -5.77
N ASN A 108 15.22 -11.03 -5.47
CA ASN A 108 14.20 -12.06 -5.62
C ASN A 108 13.98 -12.47 -7.08
N GLY A 109 14.43 -11.64 -8.04
CA GLY A 109 14.32 -11.91 -9.46
C GLY A 109 13.40 -10.87 -10.05
N SER A 110 13.60 -10.58 -11.35
CA SER A 110 12.88 -9.48 -12.00
C SER A 110 11.37 -9.77 -12.13
N THR A 111 11.00 -10.72 -12.99
CA THR A 111 9.59 -11.12 -13.17
C THR A 111 9.00 -11.59 -11.83
N SER A 112 9.77 -12.39 -11.09
CA SER A 112 9.36 -12.90 -9.78
CA SER A 112 9.33 -12.89 -9.78
C SER A 112 8.90 -11.77 -8.84
N SER A 113 9.68 -10.70 -8.79
CA SER A 113 9.37 -9.56 -7.91
C SER A 113 8.04 -8.87 -8.24
N LEU A 114 7.69 -8.77 -9.52
CA LEU A 114 6.40 -8.22 -9.93
C LEU A 114 5.26 -9.13 -9.48
N LYS A 115 5.45 -10.43 -9.62
CA LYS A 115 4.46 -11.41 -9.22
C LYS A 115 4.27 -11.38 -7.72
N ILE A 116 5.38 -11.24 -7.00
CA ILE A 116 5.32 -11.14 -5.55
C ILE A 116 4.54 -9.87 -5.13
N MET A 117 4.83 -8.73 -5.77
CA MET A 117 4.07 -7.53 -5.45
C MET A 117 2.58 -7.73 -5.69
N GLU A 118 2.22 -8.39 -6.79
CA GLU A 118 0.80 -8.67 -7.05
C GLU A 118 0.19 -9.48 -5.92
N ASP A 119 0.92 -10.50 -5.47
CA ASP A 119 0.43 -11.36 -4.39
C ASP A 119 0.26 -10.57 -3.10
N ILE A 120 1.17 -9.64 -2.82
CA ILE A 120 1.08 -8.78 -1.63
C ILE A 120 -0.16 -7.87 -1.69
N ILE A 121 -0.36 -7.25 -2.84
CA ILE A 121 -1.52 -6.38 -3.05
C ILE A 121 -2.82 -7.16 -2.80
N ARG A 122 -2.90 -8.35 -3.40
CA ARG A 122 -4.08 -9.20 -3.26
C ARG A 122 -4.28 -9.59 -1.82
N GLU A 123 -3.21 -9.98 -1.15
CA GLU A 123 -3.31 -10.40 0.25
C GLU A 123 -3.87 -9.29 1.14
N CYS A 124 -3.36 -8.08 0.95
CA CYS A 124 -3.77 -6.98 1.81
C CYS A 124 -5.25 -6.66 1.59
N MET A 125 -5.71 -6.72 0.35
CA MET A 125 -7.14 -6.53 0.07
C MET A 125 -7.97 -7.63 0.71
N GLU A 126 -7.49 -8.87 0.63
CA GLU A 126 -8.20 -10.01 1.22
C GLU A 126 -8.27 -9.87 2.74
N ILE A 127 -7.19 -9.40 3.36
CA ILE A 127 -7.19 -9.17 4.80
C ILE A 127 -8.22 -8.12 5.17
N THR A 128 -8.25 -7.03 4.41
CA THR A 128 -9.21 -5.95 4.66
C THR A 128 -10.68 -6.48 4.60
N GLU A 129 -11.00 -7.21 3.55
CA GLU A 129 -12.31 -7.87 3.40
C GLU A 129 -12.58 -8.85 4.54
N SER A 130 -11.58 -9.62 4.97
CA SER A 130 -11.77 -10.58 6.06
C SER A 130 -12.07 -9.94 7.43
N LEU A 131 -11.57 -8.72 7.61
CA LEU A 131 -11.87 -7.90 8.77
C LEU A 131 -13.16 -7.08 8.64
N SER A 132 -13.92 -7.32 7.57
CA SER A 132 -15.19 -6.63 7.31
C SER A 132 -15.02 -5.12 7.19
N LEU A 133 -13.89 -4.69 6.63
CA LEU A 133 -13.61 -3.28 6.47
C LEU A 133 -13.87 -2.81 5.04
N LYS A 134 -13.92 -1.49 4.86
CA LYS A 134 -14.41 -0.86 3.63
C LYS A 134 -13.32 -0.31 2.71
N SER A 135 -12.21 0.16 3.29
CA SER A 135 -11.23 0.87 2.50
C SER A 135 -9.83 0.52 2.90
N ILE A 136 -8.96 0.55 1.90
CA ILE A 136 -7.53 0.28 2.09
C ILE A 136 -6.76 1.30 1.28
N ALA A 137 -5.66 1.80 1.84
CA ALA A 137 -4.77 2.71 1.14
C ALA A 137 -3.40 2.06 0.92
N PHE A 138 -2.94 2.17 -0.33
CA PHE A 138 -1.56 1.82 -0.70
C PHE A 138 -0.82 3.11 -1.00
N PRO A 139 0.11 3.48 -0.12
CA PRO A 139 0.90 4.66 -0.39
C PRO A 139 2.08 4.34 -1.32
N ALA A 140 2.60 5.37 -1.96
CA ALA A 140 3.79 5.21 -2.79
C ALA A 140 4.96 4.90 -1.86
N ILE A 141 5.64 3.80 -2.14
CA ILE A 141 6.81 3.41 -1.38
C ILE A 141 8.09 3.84 -2.08
N GLY A 142 7.98 4.17 -3.36
CA GLY A 142 9.09 4.56 -4.21
C GLY A 142 9.50 3.27 -4.92
N THR A 143 10.52 3.34 -5.77
CA THR A 143 11.07 2.15 -6.45
C THR A 143 12.28 1.67 -5.66
N GLY A 144 12.09 1.62 -4.34
CA GLY A 144 13.24 1.41 -3.46
C GLY A 144 13.70 -0.02 -3.60
N ASN A 145 14.92 -0.19 -4.15
CA ASN A 145 15.56 -1.50 -4.27
C ASN A 145 14.78 -2.42 -5.26
N LEU A 146 13.89 -1.87 -6.07
CA LEU A 146 13.21 -2.67 -7.06
C LEU A 146 13.72 -2.07 -8.37
N GLY A 147 13.78 -2.90 -9.38
CA GLY A 147 14.43 -2.57 -10.59
C GLY A 147 13.53 -2.14 -11.72
N PHE A 148 12.30 -1.73 -11.41
CA PHE A 148 11.37 -1.32 -12.44
C PHE A 148 10.95 0.13 -12.22
N PRO A 149 10.68 0.84 -13.30
CA PRO A 149 10.15 2.21 -13.21
C PRO A 149 8.78 2.29 -12.59
N LYS A 150 8.47 3.46 -12.05
CA LYS A 150 7.18 3.69 -11.44
C LYS A 150 5.98 3.36 -12.36
N ASN A 151 6.08 3.60 -13.67
CA ASN A 151 4.92 3.35 -14.54
C ASN A 151 4.58 1.84 -14.59
N ILE A 152 5.59 0.98 -14.44
CA ILE A 152 5.38 -0.47 -14.37
C ILE A 152 4.53 -0.79 -13.14
N PHE A 153 4.89 -0.21 -12.00
CA PHE A 153 4.18 -0.46 -10.74
C PHE A 153 2.76 0.13 -10.71
N ALA A 154 2.57 1.26 -11.38
CA ALA A 154 1.23 1.88 -11.46
C ALA A 154 0.29 0.95 -12.23
N GLU A 155 0.74 0.48 -13.39
CA GLU A 155 -0.05 -0.48 -14.18
CA GLU A 155 -0.04 -0.48 -14.18
C GLU A 155 -0.29 -1.73 -13.35
N LEU A 156 0.75 -2.21 -12.68
CA LEU A 156 0.63 -3.45 -11.92
C LEU A 156 -0.46 -3.37 -10.86
N ILE A 157 -0.44 -2.31 -10.06
CA ILE A 157 -1.39 -2.25 -8.94
C ILE A 157 -2.85 -2.05 -9.42
N ILE A 158 -3.00 -1.19 -10.42
CA ILE A 158 -4.33 -0.94 -10.97
C ILE A 158 -4.88 -2.20 -11.60
N SER A 159 -4.05 -2.90 -12.36
CA SER A 159 -4.50 -4.16 -12.97
C SER A 159 -4.88 -5.21 -11.92
N GLU A 160 -4.13 -5.27 -10.83
CA GLU A 160 -4.43 -6.21 -9.79
C GLU A 160 -5.76 -5.85 -9.10
N VAL A 161 -6.02 -4.57 -8.87
CA VAL A 161 -7.32 -4.18 -8.32
C VAL A 161 -8.47 -4.61 -9.26
N PHE A 162 -8.28 -4.38 -10.56
CA PHE A 162 -9.25 -4.83 -11.57
C PHE A 162 -9.45 -6.35 -11.51
N SER A 163 -8.35 -7.08 -11.49
CA SER A 163 -8.39 -8.53 -11.48
C SER A 163 -9.14 -9.08 -10.26
N PHE A 164 -8.74 -8.58 -9.10
CA PHE A 164 -9.28 -9.04 -7.84
C PHE A 164 -10.79 -8.83 -7.76
N SER A 165 -11.22 -7.63 -8.12
CA SER A 165 -12.63 -7.26 -8.05
C SER A 165 -13.49 -7.95 -9.12
N SER A 166 -12.90 -8.37 -10.24
CA SER A 166 -13.68 -9.07 -11.26
C SER A 166 -13.91 -10.52 -10.88
N SER A 167 -12.99 -11.11 -10.12
CA SER A 167 -13.01 -12.56 -9.81
C SER A 167 -13.60 -12.88 -8.40
N ASN A 168 -13.96 -11.84 -7.65
CA ASN A 168 -14.46 -11.97 -6.26
C ASN A 168 -15.69 -11.12 -5.98
N GLN A 169 -16.65 -11.70 -5.26
CA GLN A 169 -17.76 -10.95 -4.67
C GLN A 169 -17.24 -10.41 -3.33
N LEU A 170 -17.34 -9.10 -3.15
CA LEU A 170 -16.84 -8.40 -1.98
C LEU A 170 -18.00 -7.91 -1.15
N SER A 171 -18.07 -8.36 0.11
CA SER A 171 -19.14 -7.95 1.04
C SER A 171 -18.94 -6.54 1.59
N THR A 172 -17.69 -6.19 1.92
CA THR A 172 -17.41 -4.90 2.55
C THR A 172 -16.40 -4.00 1.84
N LEU A 173 -15.37 -4.57 1.23
CA LEU A 173 -14.35 -3.75 0.58
C LEU A 173 -14.92 -3.02 -0.62
N GLN A 174 -14.84 -1.68 -0.57
CA GLN A 174 -15.39 -0.79 -1.58
C GLN A 174 -14.39 0.17 -2.20
N GLU A 175 -13.32 0.53 -1.50
CA GLU A 175 -12.42 1.58 -1.96
C GLU A 175 -10.96 1.20 -1.74
N VAL A 176 -10.15 1.51 -2.74
CA VAL A 176 -8.71 1.41 -2.68
C VAL A 176 -8.15 2.79 -3.02
N HIS A 177 -7.40 3.36 -2.08
CA HIS A 177 -6.81 4.68 -2.27
C HIS A 177 -5.33 4.53 -2.59
N PHE A 178 -4.87 5.23 -3.60
CA PHE A 178 -3.44 5.33 -3.90
C PHE A 178 -2.96 6.67 -3.37
N LEU A 179 -2.08 6.65 -2.37
CA LEU A 179 -1.66 7.87 -1.69
C LEU A 179 -0.31 8.33 -2.22
N LEU A 180 -0.34 9.49 -2.84
CA LEU A 180 0.86 10.10 -3.45
C LEU A 180 1.13 11.45 -2.83
N HIS A 181 2.41 11.72 -2.59
CA HIS A 181 2.82 13.08 -2.25
C HIS A 181 2.69 13.96 -3.53
N PRO A 182 2.16 15.18 -3.40
CA PRO A 182 1.94 15.99 -4.63
C PRO A 182 3.20 16.41 -5.37
N SER A 183 4.37 16.33 -4.72
CA SER A 183 5.65 16.53 -5.40
C SER A 183 6.28 15.28 -5.98
N ASP A 184 5.59 14.13 -5.88
CA ASP A 184 6.08 12.87 -6.47
C ASP A 184 5.69 12.90 -7.94
N HIS A 185 6.39 13.73 -8.71
CA HIS A 185 6.00 14.02 -10.08
C HIS A 185 5.88 12.76 -10.95
N GLU A 186 6.81 11.84 -10.80
CA GLU A 186 6.83 10.64 -11.63
C GLU A 186 5.62 9.75 -11.35
N ASN A 187 5.29 9.56 -10.08
CA ASN A 187 4.09 8.78 -9.76
C ASN A 187 2.79 9.50 -10.13
N ILE A 188 2.74 10.80 -9.94
CA ILE A 188 1.54 11.56 -10.29
C ILE A 188 1.32 11.38 -11.80
N GLN A 189 2.38 11.49 -12.59
CA GLN A 189 2.23 11.31 -14.05
C GLN A 189 1.80 9.90 -14.39
N ALA A 190 2.40 8.91 -13.73
CA ALA A 190 2.11 7.49 -14.06
C ALA A 190 0.66 7.12 -13.77
N PHE A 191 0.19 7.47 -12.58
CA PHE A 191 -1.18 7.18 -12.18
C PHE A 191 -2.19 8.01 -12.98
N SER A 192 -1.88 9.28 -13.21
CA SER A 192 -2.77 10.15 -13.99
C SER A 192 -2.97 9.57 -15.40
N ASP A 193 -1.87 9.12 -16.01
CA ASP A 193 -1.92 8.50 -17.34
C ASP A 193 -2.72 7.20 -17.34
N GLU A 194 -2.50 6.35 -16.34
CA GLU A 194 -3.26 5.12 -16.22
C GLU A 194 -4.75 5.36 -16.03
N PHE A 195 -5.08 6.30 -15.15
CA PHE A 195 -6.48 6.62 -14.85
C PHE A 195 -7.16 7.21 -16.07
N ALA A 196 -6.48 8.14 -16.74
CA ALA A 196 -7.01 8.75 -17.96
C ALA A 196 -7.26 7.70 -19.00
N ARG A 197 -6.31 6.77 -19.16
CA ARG A 197 -6.39 5.73 -20.15
C ARG A 197 -7.53 4.77 -19.90
N ARG A 198 -7.80 4.45 -18.64
CA ARG A 198 -8.85 3.49 -18.29
CA ARG A 198 -8.86 3.49 -18.31
C ARG A 198 -10.26 4.12 -18.15
N ALA A 199 -10.33 5.45 -18.10
CA ALA A 199 -11.61 6.15 -17.98
C ALA A 199 -12.15 6.49 -19.36
#